data_5IL5
#
_entry.id   5IL5
#
_cell.length_a   76.050
_cell.length_b   37.950
_cell.length_c   166.460
_cell.angle_alpha   90.00
_cell.angle_beta   92.28
_cell.angle_gamma   90.00
#
_symmetry.space_group_name_H-M   'C 1 2 1'
#
loop_
_entity.id
_entity.type
_entity.pdbx_description
1 polymer MlnD
2 water water
#
_entity_poly.entity_id   1
_entity_poly.type   'polypeptide(L)'
_entity_poly.pdbx_seq_one_letter_code
;SMSAPGYPFAKELCRIDAQNMGSRRMNVNNDLHPYISCNISDFKAQKFLINVSDTGLYIKTKYQDREMFPFLSQIEMARA
AGAMASGNPIIKLTELSFREPMLQSGSNEQIRIVLTPDNQGASYSIEKQSDSSIYSSGRLELEGGAYENGNIHLEPFLSQ
RADRIPHEAFYQRLAEFGYSCSDSLKAAEHCVSRNGQVLLKIKAKAGPKGCIIKPEVIESVYQAVIYLAGENAGELPENI
KECTIFDHETEPVYVYAEQTGESDSAYDVYVLDNAGGILMELSGLVFGEKPNKNVRFYEHKWNQKNPLIEIK
;
_entity_poly.pdbx_strand_id   A,B
#
# COMPACT_ATOMS: atom_id res chain seq x y z
N ASP A 31 26.34 -31.33 16.02
CA ASP A 31 25.53 -30.62 15.03
C ASP A 31 26.33 -30.26 13.78
N LEU A 32 25.72 -30.48 12.62
CA LEU A 32 26.27 -30.00 11.37
C LEU A 32 26.05 -28.51 11.16
N HIS A 33 25.07 -27.91 11.85
CA HIS A 33 24.70 -26.54 11.59
C HIS A 33 23.68 -26.13 12.67
N PRO A 34 23.56 -24.83 12.97
CA PRO A 34 22.59 -24.43 14.00
C PRO A 34 21.17 -24.97 13.77
N TYR A 35 20.79 -25.22 12.53
CA TYR A 35 19.48 -25.78 12.21
C TYR A 35 19.54 -27.23 11.74
N ILE A 36 20.73 -27.80 11.57
CA ILE A 36 20.89 -29.17 11.07
C ILE A 36 21.69 -29.95 12.10
N SER A 37 21.07 -31.00 12.66
CA SER A 37 21.72 -31.74 13.75
C SER A 37 22.61 -32.88 13.24
N CYS A 38 22.21 -33.57 12.18
CA CYS A 38 22.99 -34.70 11.70
C CYS A 38 22.54 -35.09 10.31
N ASN A 39 23.34 -35.97 9.69
CA ASN A 39 23.08 -36.50 8.37
C ASN A 39 22.40 -37.85 8.50
N ILE A 40 21.21 -37.98 7.90
CA ILE A 40 20.43 -39.21 7.96
C ILE A 40 20.18 -39.78 6.57
N SER A 41 21.14 -39.57 5.67
CA SER A 41 21.02 -40.07 4.31
C SER A 41 20.98 -41.60 4.28
N ASP A 42 20.36 -42.14 3.25
CA ASP A 42 20.33 -43.59 3.03
C ASP A 42 20.27 -43.87 1.54
N PHE A 43 20.17 -45.16 1.19
CA PHE A 43 20.14 -45.54 -0.21
C PHE A 43 18.99 -44.88 -0.93
N LYS A 44 17.89 -44.67 -0.23
CA LYS A 44 16.71 -44.13 -0.88
C LYS A 44 16.89 -42.65 -1.21
N ALA A 45 17.48 -41.88 -0.29
CA ALA A 45 17.69 -40.47 -0.59
C ALA A 45 18.69 -39.83 0.36
N GLN A 46 19.38 -38.81 -0.16
CA GLN A 46 20.20 -37.92 0.65
C GLN A 46 19.33 -37.02 1.51
N LYS A 47 19.66 -36.91 2.80
CA LYS A 47 18.79 -36.11 3.64
C LYS A 47 19.45 -35.85 4.99
N PHE A 48 19.01 -34.75 5.62
CA PHE A 48 19.51 -34.30 6.91
C PHE A 48 18.34 -34.04 7.86
N LEU A 49 18.62 -34.16 9.15
CA LEU A 49 17.63 -33.90 10.19
C LEU A 49 17.68 -32.43 10.63
N ILE A 50 16.54 -31.76 10.58
CA ILE A 50 16.43 -30.36 10.99
C ILE A 50 15.98 -30.31 12.44
N ASN A 51 16.58 -29.42 13.22
CA ASN A 51 16.13 -29.21 14.60
C ASN A 51 16.32 -27.74 14.94
N VAL A 52 15.20 -27.02 15.04
CA VAL A 52 15.18 -25.61 15.43
C VAL A 52 14.47 -25.40 16.74
N SER A 53 14.25 -26.47 17.51
CA SER A 53 13.58 -26.37 18.80
C SER A 53 14.22 -25.31 19.68
N ASP A 54 15.54 -25.37 19.84
CA ASP A 54 16.26 -24.57 20.83
C ASP A 54 16.80 -23.25 20.27
N THR A 55 16.37 -22.84 19.08
CA THR A 55 16.57 -21.46 18.61
C THR A 55 15.46 -20.58 19.16
N GLY A 56 15.78 -19.32 19.41
CA GLY A 56 14.80 -18.46 20.05
C GLY A 56 13.94 -17.72 19.04
N LEU A 57 13.83 -18.29 17.84
CA LEU A 57 13.33 -17.58 16.67
C LEU A 57 11.91 -18.04 16.37
N TYR A 58 10.96 -17.13 16.47
CA TYR A 58 9.57 -17.42 16.12
C TYR A 58 8.92 -16.17 15.55
N ILE A 59 7.89 -16.37 14.73
CA ILE A 59 7.01 -15.30 14.27
C ILE A 59 5.58 -15.71 14.58
N LYS A 60 4.69 -14.72 14.57
CA LYS A 60 3.26 -14.93 14.71
C LYS A 60 2.55 -14.12 13.63
N THR A 61 1.48 -14.67 13.08
CA THR A 61 0.63 -13.95 12.14
C THR A 61 -0.81 -14.01 12.59
N LYS A 62 -1.61 -13.10 12.07
CA LYS A 62 -3.05 -13.10 12.36
C LYS A 62 -3.74 -14.35 11.84
N TYR A 63 -3.10 -15.11 10.94
CA TYR A 63 -3.70 -16.31 10.39
C TYR A 63 -3.53 -17.53 11.29
N GLN A 64 -2.67 -17.46 12.30
CA GLN A 64 -2.28 -18.64 13.06
C GLN A 64 -2.35 -18.35 14.56
N ASP A 65 -2.95 -19.28 15.30
CA ASP A 65 -2.90 -19.23 16.76
C ASP A 65 -1.50 -19.51 17.27
N ARG A 66 -0.78 -20.41 16.61
CA ARG A 66 0.49 -20.91 17.10
C ARG A 66 1.65 -20.08 16.56
N GLU A 67 2.75 -20.05 17.31
CA GLU A 67 4.00 -19.46 16.86
C GLU A 67 4.57 -20.25 15.67
N MET A 68 5.45 -19.60 14.92
CA MET A 68 6.04 -20.21 13.72
C MET A 68 7.53 -19.90 13.64
N PHE A 69 8.28 -20.86 13.11
CA PHE A 69 9.65 -20.58 12.73
C PHE A 69 9.65 -19.71 11.47
N PRO A 70 10.48 -18.67 11.42
CA PRO A 70 10.41 -17.74 10.28
C PRO A 70 10.53 -18.47 8.95
N PHE A 71 9.74 -18.02 7.98
CA PHE A 71 9.70 -18.68 6.68
C PHE A 71 11.07 -18.73 6.03
N LEU A 72 11.67 -17.55 5.82
CA LEU A 72 12.79 -17.46 4.89
C LEU A 72 14.08 -18.05 5.43
N SER A 73 14.18 -18.30 6.73
CA SER A 73 15.37 -18.94 7.26
C SER A 73 15.55 -20.35 6.73
N GLN A 74 14.50 -20.91 6.12
CA GLN A 74 14.61 -22.20 5.47
C GLN A 74 15.59 -22.17 4.31
N ILE A 75 15.79 -21.00 3.70
CA ILE A 75 16.80 -20.89 2.66
C ILE A 75 18.17 -21.25 3.21
N GLU A 76 18.48 -20.79 4.43
CA GLU A 76 19.73 -21.19 5.08
C GLU A 76 19.79 -22.70 5.28
N MET A 77 18.67 -23.32 5.66
CA MET A 77 18.64 -24.78 5.79
C MET A 77 19.03 -25.43 4.47
N ALA A 78 18.43 -24.98 3.38
CA ALA A 78 18.75 -25.56 2.08
C ALA A 78 20.19 -25.26 1.67
N ARG A 79 20.64 -24.02 1.88
CA ARG A 79 22.00 -23.67 1.52
C ARG A 79 23.00 -24.50 2.28
N ALA A 80 22.79 -24.67 3.59
CA ALA A 80 23.72 -25.47 4.38
C ALA A 80 23.66 -26.94 3.97
N ALA A 81 22.45 -27.48 3.80
CA ALA A 81 22.33 -28.87 3.39
C ALA A 81 22.94 -29.09 2.01
N GLY A 82 22.63 -28.19 1.07
CA GLY A 82 23.15 -28.33 -0.28
C GLY A 82 24.67 -28.29 -0.33
N ALA A 83 25.28 -27.36 0.42
CA ALA A 83 26.72 -27.27 0.42
C ALA A 83 27.35 -28.57 0.90
N MET A 84 26.80 -29.13 1.97
CA MET A 84 27.33 -30.38 2.53
C MET A 84 27.12 -31.54 1.56
N ALA A 85 25.94 -31.61 0.94
CA ALA A 85 25.64 -32.68 -0.01
C ALA A 85 26.45 -32.56 -1.31
N SER A 86 26.74 -31.33 -1.74
CA SER A 86 27.44 -31.12 -3.01
C SER A 86 28.95 -31.01 -2.87
N GLY A 87 29.45 -30.68 -1.69
CA GLY A 87 30.86 -30.47 -1.49
C GLY A 87 31.37 -29.09 -1.87
N ASN A 88 30.49 -28.20 -2.31
CA ASN A 88 30.88 -26.85 -2.70
C ASN A 88 29.87 -25.86 -2.16
N PRO A 89 30.22 -24.58 -2.06
CA PRO A 89 29.27 -23.59 -1.59
C PRO A 89 28.01 -23.57 -2.44
N ILE A 90 26.93 -23.08 -1.85
CA ILE A 90 25.69 -22.81 -2.58
C ILE A 90 25.58 -21.31 -2.75
N ILE A 91 25.57 -20.86 -4.00
CA ILE A 91 25.50 -19.44 -4.32
C ILE A 91 24.10 -19.01 -4.70
N LYS A 92 23.39 -19.83 -5.46
CA LYS A 92 22.14 -19.40 -6.06
C LYS A 92 21.08 -20.48 -5.83
N LEU A 93 19.92 -20.05 -5.35
CA LEU A 93 18.78 -20.92 -5.20
C LEU A 93 17.68 -20.34 -6.09
N THR A 94 16.98 -21.21 -6.80
CA THR A 94 15.96 -20.75 -7.73
C THR A 94 14.67 -21.50 -7.48
N GLU A 95 13.57 -20.89 -7.90
CA GLU A 95 12.24 -21.49 -7.89
C GLU A 95 11.90 -22.03 -6.51
N LEU A 96 11.92 -21.13 -5.54
CA LEU A 96 11.56 -21.48 -4.17
C LEU A 96 10.04 -21.45 -4.01
N SER A 97 9.51 -22.44 -3.31
CA SER A 97 8.07 -22.57 -3.11
C SER A 97 7.80 -22.84 -1.64
N PHE A 98 7.01 -21.99 -1.00
CA PHE A 98 6.65 -22.14 0.40
C PHE A 98 5.19 -22.55 0.48
N ARG A 99 4.93 -23.71 1.08
CA ARG A 99 3.60 -24.32 1.10
C ARG A 99 2.95 -24.40 2.46
N GLU A 100 3.72 -24.59 3.53
CA GLU A 100 3.16 -24.66 4.87
C GLU A 100 4.08 -23.95 5.85
N PRO A 101 3.52 -23.33 6.89
CA PRO A 101 4.35 -22.78 7.96
C PRO A 101 4.82 -23.85 8.92
N MET A 102 5.99 -23.60 9.50
CA MET A 102 6.56 -24.49 10.51
C MET A 102 5.93 -24.14 11.86
N LEU A 103 4.73 -24.67 12.08
CA LEU A 103 4.10 -24.52 13.37
C LEU A 103 4.98 -25.15 14.45
N GLN A 104 5.16 -24.43 15.55
CA GLN A 104 5.90 -24.93 16.68
C GLN A 104 4.92 -25.16 17.82
N SER A 105 4.81 -26.41 18.25
CA SER A 105 3.78 -26.83 19.18
C SER A 105 4.44 -27.64 20.29
N GLY A 106 3.73 -28.62 20.84
CA GLY A 106 4.35 -29.54 21.76
C GLY A 106 4.64 -30.86 21.08
N SER A 107 3.77 -31.23 20.13
CA SER A 107 3.95 -32.49 19.41
C SER A 107 5.38 -32.63 18.92
N ASN A 108 6.00 -31.51 18.54
CA ASN A 108 7.34 -31.53 17.96
C ASN A 108 7.40 -32.49 16.77
N GLU A 109 6.96 -32.03 15.61
CA GLU A 109 7.12 -32.79 14.39
C GLU A 109 8.56 -32.67 13.93
N GLN A 110 9.25 -33.81 13.81
CA GLN A 110 10.63 -33.80 13.37
C GLN A 110 10.71 -33.35 11.91
N ILE A 111 11.63 -32.43 11.63
CA ILE A 111 11.75 -31.83 10.30
C ILE A 111 13.02 -32.33 9.63
N ARG A 112 12.92 -32.66 8.35
CA ARG A 112 14.04 -33.15 7.56
C ARG A 112 14.06 -32.42 6.22
N ILE A 113 15.23 -32.40 5.60
CA ILE A 113 15.40 -31.86 4.25
C ILE A 113 15.90 -32.98 3.33
N VAL A 114 15.19 -33.18 2.22
CA VAL A 114 15.57 -34.15 1.20
C VAL A 114 16.17 -33.39 0.03
N LEU A 115 17.28 -33.88 -0.49
CA LEU A 115 17.96 -33.28 -1.62
C LEU A 115 18.11 -34.31 -2.73
N THR A 116 17.68 -33.95 -3.93
CA THR A 116 17.68 -34.88 -5.05
C THR A 116 18.54 -34.32 -6.18
N PRO A 117 19.68 -34.91 -6.50
CA PRO A 117 20.48 -34.43 -7.64
C PRO A 117 19.83 -34.76 -8.97
N ASP A 118 20.07 -33.89 -9.96
CA ASP A 118 19.58 -34.13 -11.31
C ASP A 118 20.50 -33.38 -12.28
N ASN A 119 20.18 -33.48 -13.57
CA ASN A 119 21.09 -32.98 -14.59
C ASN A 119 21.14 -31.46 -14.61
N GLN A 120 19.98 -30.81 -14.43
CA GLN A 120 19.98 -29.36 -14.27
C GLN A 120 20.79 -28.95 -13.05
N GLY A 121 20.61 -29.66 -11.94
CA GLY A 121 21.27 -29.32 -10.69
C GLY A 121 20.76 -30.25 -9.61
N ALA A 122 20.10 -29.67 -8.61
CA ALA A 122 19.51 -30.45 -7.55
C ALA A 122 18.26 -29.76 -7.07
N SER A 123 17.38 -30.54 -6.44
CA SER A 123 16.18 -30.03 -5.82
C SER A 123 16.23 -30.37 -4.33
N TYR A 124 15.42 -29.66 -3.57
CA TYR A 124 15.39 -29.89 -2.13
C TYR A 124 13.95 -29.78 -1.65
N SER A 125 13.62 -30.59 -0.66
CA SER A 125 12.33 -30.57 0.00
C SER A 125 12.59 -30.52 1.49
N ILE A 126 11.96 -29.56 2.15
CA ILE A 126 11.96 -29.49 3.60
C ILE A 126 10.62 -30.02 4.04
N GLU A 127 10.63 -31.08 4.85
CA GLU A 127 9.45 -31.89 5.06
C GLU A 127 9.26 -32.18 6.54
N LYS A 128 8.03 -32.51 6.91
CA LYS A 128 7.80 -33.29 8.12
C LYS A 128 8.34 -34.69 7.89
N GLN A 129 9.10 -35.20 8.86
CA GLN A 129 9.62 -36.55 8.73
C GLN A 129 8.51 -37.60 8.80
N SER A 130 7.45 -37.34 9.58
CA SER A 130 6.43 -38.35 9.80
C SER A 130 5.67 -38.69 8.53
N ASP A 131 5.37 -37.69 7.68
CA ASP A 131 4.52 -37.91 6.52
C ASP A 131 5.08 -37.29 5.24
N SER A 132 6.30 -36.75 5.28
CA SER A 132 6.99 -36.20 4.12
C SER A 132 6.28 -34.98 3.52
N SER A 133 5.32 -34.41 4.23
CA SER A 133 4.60 -33.24 3.73
C SER A 133 5.50 -32.00 3.71
N ILE A 134 5.39 -31.21 2.65
CA ILE A 134 6.36 -30.16 2.34
C ILE A 134 6.04 -28.88 3.09
N TYR A 135 7.05 -28.33 3.78
CA TYR A 135 7.00 -26.94 4.24
C TYR A 135 7.41 -25.96 3.13
N SER A 136 8.51 -26.26 2.44
CA SER A 136 9.00 -25.44 1.35
C SER A 136 9.87 -26.32 0.44
N SER A 137 10.04 -25.87 -0.79
CA SER A 137 10.84 -26.60 -1.77
C SER A 137 11.57 -25.60 -2.65
N GLY A 138 12.62 -26.08 -3.31
CA GLY A 138 13.38 -25.22 -4.18
C GLY A 138 14.45 -26.00 -4.92
N ARG A 139 15.25 -25.24 -5.67
CA ARG A 139 16.34 -25.77 -6.47
C ARG A 139 17.66 -25.16 -6.02
N LEU A 140 18.74 -25.87 -6.35
CA LEU A 140 20.09 -25.47 -6.00
C LEU A 140 20.94 -25.44 -7.25
N GLU A 141 21.65 -24.35 -7.46
CA GLU A 141 22.63 -24.29 -8.52
C GLU A 141 23.91 -24.94 -8.02
N LEU A 142 24.39 -25.96 -8.74
CA LEU A 142 25.58 -26.68 -8.33
C LEU A 142 26.81 -26.33 -9.14
N GLU A 143 26.65 -25.79 -10.34
CA GLU A 143 27.79 -25.34 -11.12
C GLU A 143 28.06 -23.91 -10.69
N GLY A 144 28.96 -23.77 -9.72
CA GLY A 144 29.30 -22.47 -9.15
C GLY A 144 29.89 -21.52 -10.16
N GLY A 145 29.34 -20.32 -10.24
CA GLY A 145 29.83 -19.31 -11.16
C GLY A 145 29.95 -17.99 -10.44
N ALA A 146 31.02 -17.27 -10.73
CA ALA A 146 31.23 -15.98 -10.09
C ALA A 146 30.24 -14.98 -10.66
N TYR A 147 29.41 -14.42 -9.80
CA TYR A 147 28.50 -13.35 -10.17
C TYR A 147 29.08 -12.04 -9.67
N GLU A 148 28.99 -11.00 -10.48
CA GLU A 148 29.36 -9.68 -9.99
C GLU A 148 28.11 -9.00 -9.45
N ASN A 149 28.19 -8.55 -8.20
CA ASN A 149 27.05 -7.95 -7.54
C ASN A 149 26.85 -6.53 -8.07
N GLY A 150 25.66 -6.02 -7.83
CA GLY A 150 25.27 -4.70 -8.29
C GLY A 150 25.43 -3.66 -7.20
N ASN A 151 24.76 -2.54 -7.40
CA ASN A 151 24.83 -1.46 -6.43
C ASN A 151 23.51 -0.73 -6.42
N ILE A 152 23.00 -0.48 -5.22
CA ILE A 152 21.86 0.39 -5.02
C ILE A 152 22.41 1.73 -4.58
N HIS A 153 22.02 2.77 -5.29
CA HIS A 153 22.44 4.11 -4.93
C HIS A 153 21.60 4.52 -3.73
N LEU A 154 22.24 4.64 -2.57
CA LEU A 154 21.51 4.85 -1.33
C LEU A 154 21.19 6.31 -1.06
N GLU A 155 21.87 7.24 -1.73
CA GLU A 155 21.79 8.65 -1.38
C GLU A 155 20.35 9.17 -1.28
N PRO A 156 19.46 8.90 -2.23
CA PRO A 156 18.10 9.47 -2.11
C PRO A 156 17.41 9.17 -0.80
N PHE A 157 17.64 7.99 -0.23
CA PHE A 157 16.98 7.60 1.01
C PHE A 157 17.68 8.21 2.22
N LEU A 158 18.97 8.50 2.10
CA LEU A 158 19.75 8.99 3.23
C LEU A 158 19.41 10.46 3.54
N SER A 159 19.00 11.23 2.53
CA SER A 159 18.81 12.66 2.71
C SER A 159 17.61 12.97 3.60
N GLN A 160 16.60 12.10 3.57
CA GLN A 160 15.39 12.31 4.36
C GLN A 160 15.59 11.73 5.75
N ARG A 161 16.38 12.45 6.54
CA ARG A 161 16.64 11.98 7.90
C ARG A 161 15.38 12.12 8.76
N ALA A 162 14.60 13.20 8.53
CA ALA A 162 13.34 13.39 9.23
C ALA A 162 12.31 12.30 8.88
N ASP A 163 12.35 11.78 7.64
CA ASP A 163 11.41 10.75 7.20
C ASP A 163 11.60 9.40 7.88
N ARG A 164 12.72 9.21 8.57
CA ARG A 164 13.04 7.91 9.14
C ARG A 164 12.02 7.49 10.18
N ILE A 165 11.47 6.29 10.00
CA ILE A 165 10.60 5.70 11.01
C ILE A 165 11.46 4.99 12.05
N PRO A 166 11.28 5.25 13.34
CA PRO A 166 12.09 4.58 14.36
C PRO A 166 11.73 3.10 14.49
N HIS A 167 12.66 2.36 15.08
CA HIS A 167 12.51 0.92 15.32
C HIS A 167 11.14 0.54 15.91
N GLU A 168 10.75 1.20 16.99
CA GLU A 168 9.50 0.85 17.68
C GLU A 168 8.29 1.06 16.79
N ALA A 169 8.23 2.20 16.10
CA ALA A 169 7.07 2.47 15.25
C ALA A 169 7.02 1.52 14.05
N PHE A 170 8.18 1.21 13.48
CA PHE A 170 8.22 0.30 12.34
C PHE A 170 7.53 -1.03 12.65
N TYR A 171 7.85 -1.63 13.81
CA TYR A 171 7.30 -2.94 14.13
C TYR A 171 5.87 -2.85 14.64
N GLN A 172 5.51 -1.75 15.30
CA GLN A 172 4.10 -1.53 15.62
C GLN A 172 3.24 -1.57 14.36
N ARG A 173 3.77 -1.08 13.24
CA ARG A 173 2.99 -1.07 12.00
C ARG A 173 2.89 -2.47 11.40
N LEU A 174 4.00 -3.22 11.40
CA LEU A 174 3.94 -4.61 10.96
C LEU A 174 2.95 -5.39 11.81
N ALA A 175 2.91 -5.10 13.12
CA ALA A 175 1.91 -5.72 13.98
C ALA A 175 0.50 -5.38 13.53
N GLU A 176 0.27 -4.12 13.16
CA GLU A 176 -1.04 -3.72 12.66
C GLU A 176 -1.37 -4.36 11.32
N PHE A 177 -0.36 -4.81 10.58
CA PHE A 177 -0.57 -5.61 9.38
C PHE A 177 -0.72 -7.10 9.69
N GLY A 178 -0.52 -7.50 10.94
CA GLY A 178 -0.68 -8.88 11.34
C GLY A 178 0.60 -9.68 11.43
N TYR A 179 1.74 -9.03 11.65
CA TYR A 179 3.02 -9.71 11.78
C TYR A 179 3.70 -9.24 13.05
N SER A 180 4.13 -10.19 13.87
CA SER A 180 4.99 -9.91 15.01
C SER A 180 6.05 -10.99 15.08
N CYS A 181 7.08 -10.73 15.89
CA CYS A 181 8.23 -11.60 15.92
C CYS A 181 8.97 -11.42 17.23
N SER A 182 9.78 -12.42 17.57
CA SER A 182 10.65 -12.38 18.73
C SER A 182 11.71 -11.29 18.57
N ASP A 183 12.14 -10.73 19.71
CA ASP A 183 13.15 -9.69 19.67
C ASP A 183 14.42 -10.16 18.97
N SER A 184 14.67 -11.47 18.98
CA SER A 184 15.82 -12.03 18.27
C SER A 184 15.72 -11.83 16.77
N LEU A 185 14.55 -11.44 16.26
CA LEU A 185 14.37 -11.17 14.84
C LEU A 185 14.06 -9.70 14.56
N LYS A 186 14.30 -8.82 15.53
CA LYS A 186 14.04 -7.39 15.37
C LYS A 186 15.37 -6.69 15.15
N ALA A 187 15.84 -6.72 13.91
CA ALA A 187 17.10 -6.10 13.52
C ALA A 187 16.94 -4.73 12.89
N ALA A 188 15.73 -4.33 12.52
CA ALA A 188 15.50 -3.03 11.91
C ALA A 188 15.68 -1.91 12.92
N GLU A 189 16.56 -0.96 12.61
CA GLU A 189 16.74 0.23 13.44
C GLU A 189 15.85 1.38 13.01
N HIS A 190 15.71 1.62 11.70
CA HIS A 190 14.78 2.63 11.21
C HIS A 190 14.48 2.36 9.73
N CYS A 191 13.45 3.03 9.22
CA CYS A 191 12.86 2.72 7.93
C CYS A 191 12.59 4.00 7.13
N VAL A 192 12.91 3.98 5.84
CA VAL A 192 12.55 5.04 4.89
C VAL A 192 11.77 4.41 3.75
N SER A 193 10.59 4.96 3.46
CA SER A 193 9.68 4.40 2.49
C SER A 193 9.18 5.49 1.55
N ARG A 194 9.36 5.28 0.24
CA ARG A 194 8.88 6.22 -0.76
C ARG A 194 8.53 5.50 -2.05
N ASN A 195 7.33 5.79 -2.60
CA ASN A 195 6.98 5.39 -3.96
C ASN A 195 6.96 3.87 -4.13
N GLY A 196 6.58 3.15 -3.08
CA GLY A 196 6.61 1.70 -3.13
C GLY A 196 8.01 1.14 -3.07
N GLN A 197 8.91 1.86 -2.42
CA GLN A 197 10.28 1.43 -2.18
C GLN A 197 10.58 1.67 -0.70
N VAL A 198 11.43 0.83 -0.12
CA VAL A 198 11.74 0.92 1.30
C VAL A 198 13.21 0.58 1.49
N LEU A 199 13.91 1.38 2.29
CA LEU A 199 15.27 1.10 2.71
C LEU A 199 15.28 0.97 4.23
N LEU A 200 15.65 -0.22 4.72
CA LEU A 200 15.76 -0.46 6.16
C LEU A 200 17.21 -0.36 6.60
N LYS A 201 17.41 0.27 7.75
CA LYS A 201 18.69 0.24 8.45
C LYS A 201 18.64 -0.89 9.44
N ILE A 202 19.56 -1.84 9.31
CA ILE A 202 19.55 -3.02 10.16
C ILE A 202 20.87 -3.12 10.89
N LYS A 203 20.83 -3.82 12.01
CA LYS A 203 22.03 -4.13 12.78
C LYS A 203 22.00 -5.62 13.03
N ALA A 204 22.94 -6.33 12.44
CA ALA A 204 22.99 -7.77 12.60
C ALA A 204 23.39 -8.10 14.03
N LYS A 205 23.03 -9.29 14.46
CA LYS A 205 23.32 -9.75 15.79
C LYS A 205 24.38 -10.83 15.66
N ALA A 206 25.51 -10.65 16.34
CA ALA A 206 26.52 -11.70 16.30
C ALA A 206 25.93 -12.95 16.91
N GLY A 207 26.08 -14.06 16.21
CA GLY A 207 25.44 -15.29 16.58
C GLY A 207 26.25 -16.47 16.10
N PRO A 208 25.68 -17.68 16.17
CA PRO A 208 26.48 -18.87 15.89
C PRO A 208 27.24 -18.75 14.59
N LYS A 209 28.47 -19.25 14.61
CA LYS A 209 29.34 -19.14 13.45
C LYS A 209 28.70 -19.75 12.21
N GLY A 210 27.88 -20.80 12.41
CA GLY A 210 27.48 -21.64 11.29
C GLY A 210 26.56 -20.96 10.30
N CYS A 211 25.70 -20.03 10.74
CA CYS A 211 24.73 -19.41 9.86
C CYS A 211 25.43 -18.48 8.89
N ILE A 212 25.40 -18.83 7.59
CA ILE A 212 25.83 -17.89 6.56
C ILE A 212 24.80 -16.79 6.43
N ILE A 213 23.53 -17.17 6.34
CA ILE A 213 22.41 -16.24 6.26
C ILE A 213 21.85 -16.12 7.67
N LYS A 214 22.12 -15.00 8.33
CA LYS A 214 21.68 -14.85 9.70
C LYS A 214 20.16 -14.75 9.77
N PRO A 215 19.53 -15.32 10.80
CA PRO A 215 18.06 -15.29 10.84
C PRO A 215 17.48 -13.89 10.84
N GLU A 216 18.07 -12.97 11.61
CA GLU A 216 17.50 -11.62 11.68
C GLU A 216 17.74 -10.84 10.39
N VAL A 217 18.83 -11.12 9.68
CA VAL A 217 19.08 -10.43 8.41
C VAL A 217 18.04 -10.83 7.37
N ILE A 218 17.87 -12.14 7.14
CA ILE A 218 16.92 -12.56 6.13
C ILE A 218 15.49 -12.28 6.56
N GLU A 219 15.21 -12.18 7.86
CA GLU A 219 13.87 -11.79 8.29
C GLU A 219 13.61 -10.31 8.07
N SER A 220 14.65 -9.47 8.16
CA SER A 220 14.50 -8.09 7.73
C SER A 220 14.05 -8.02 6.28
N VAL A 221 14.57 -8.92 5.44
CA VAL A 221 14.15 -8.99 4.05
C VAL A 221 12.64 -9.18 3.97
N TYR A 222 12.14 -10.17 4.71
CA TYR A 222 10.70 -10.43 4.71
C TYR A 222 9.93 -9.26 5.30
N GLN A 223 10.45 -8.67 6.37
CA GLN A 223 9.77 -7.53 7.00
C GLN A 223 9.62 -6.36 6.03
N ALA A 224 10.69 -6.05 5.27
CA ALA A 224 10.61 -4.99 4.28
C ALA A 224 9.47 -5.23 3.29
N VAL A 225 9.32 -6.47 2.84
CA VAL A 225 8.25 -6.80 1.89
C VAL A 225 6.89 -6.61 2.53
N ILE A 226 6.71 -7.06 3.77
CA ILE A 226 5.43 -6.92 4.43
C ILE A 226 5.07 -5.44 4.57
N TYR A 227 6.09 -4.59 4.74
CA TYR A 227 5.85 -3.17 4.92
C TYR A 227 5.35 -2.54 3.62
N LEU A 228 5.98 -2.87 2.50
CA LEU A 228 5.51 -2.40 1.20
C LEU A 228 4.17 -3.02 0.85
N ALA A 229 4.02 -4.32 1.07
CA ALA A 229 2.80 -5.01 0.67
C ALA A 229 1.63 -4.65 1.57
N GLY A 230 1.87 -4.54 2.88
CA GLY A 230 0.81 -4.16 3.80
C GLY A 230 -0.32 -5.17 3.82
N GLU A 231 -1.56 -4.70 3.65
CA GLU A 231 -2.69 -5.62 3.60
C GLU A 231 -2.51 -6.63 2.47
N ASN A 232 -1.82 -6.23 1.41
CA ASN A 232 -1.57 -7.12 0.28
C ASN A 232 -0.61 -8.23 0.65
N ALA A 233 -0.13 -8.24 1.89
CA ALA A 233 0.73 -9.30 2.36
C ALA A 233 -0.12 -10.52 2.67
N GLY A 234 0.31 -11.67 2.15
CA GLY A 234 -0.30 -12.94 2.47
C GLY A 234 0.34 -13.62 3.65
N GLU A 235 1.35 -12.99 4.26
CA GLU A 235 2.07 -13.56 5.38
C GLU A 235 2.46 -15.02 5.09
N LEU A 236 2.78 -15.29 3.83
CA LEU A 236 3.41 -16.53 3.41
C LEU A 236 3.91 -16.31 1.98
N PRO A 237 5.23 -16.36 1.73
CA PRO A 237 5.70 -16.10 0.37
C PRO A 237 5.61 -17.35 -0.47
N GLU A 238 4.54 -17.45 -1.25
CA GLU A 238 4.24 -18.67 -1.99
C GLU A 238 5.37 -19.03 -2.94
N ASN A 239 5.95 -18.04 -3.62
CA ASN A 239 7.00 -18.29 -4.61
C ASN A 239 8.10 -17.24 -4.51
N ILE A 240 9.32 -17.67 -4.78
CA ILE A 240 10.46 -16.76 -4.93
C ILE A 240 11.30 -17.29 -6.09
N LYS A 241 11.50 -16.46 -7.12
CA LYS A 241 12.14 -16.94 -8.35
C LYS A 241 13.64 -17.18 -8.13
N GLU A 242 14.36 -16.20 -7.60
CA GLU A 242 15.79 -16.34 -7.41
C GLU A 242 16.23 -15.88 -6.03
N CYS A 243 17.28 -16.55 -5.52
CA CYS A 243 18.00 -16.10 -4.34
C CYS A 243 19.50 -16.31 -4.58
N THR A 244 20.25 -15.21 -4.64
CA THR A 244 21.67 -15.22 -4.91
C THR A 244 22.41 -14.65 -3.71
N ILE A 245 23.50 -15.31 -3.32
CA ILE A 245 24.30 -14.89 -2.17
C ILE A 245 25.66 -14.49 -2.72
N PHE A 246 25.87 -13.18 -2.88
CA PHE A 246 27.12 -12.69 -3.48
C PHE A 246 28.25 -12.61 -2.47
N ASP A 247 27.92 -12.31 -1.22
CA ASP A 247 28.94 -12.01 -0.22
C ASP A 247 28.31 -12.19 1.15
N HIS A 248 28.76 -13.21 1.87
CA HIS A 248 28.26 -13.49 3.21
C HIS A 248 29.25 -13.13 4.30
N GLU A 249 30.40 -12.57 3.95
CA GLU A 249 31.37 -12.12 4.94
C GLU A 249 31.21 -10.64 5.26
N THR A 250 30.90 -9.81 4.26
CA THR A 250 30.73 -8.39 4.52
C THR A 250 29.49 -8.16 5.38
N GLU A 251 29.61 -7.20 6.29
CA GLU A 251 28.55 -6.95 7.26
C GLU A 251 27.32 -6.37 6.54
N PRO A 252 26.14 -6.96 6.69
CA PRO A 252 24.93 -6.35 6.12
C PRO A 252 24.46 -5.16 6.96
N VAL A 253 24.05 -4.10 6.27
CA VAL A 253 23.74 -2.83 6.92
C VAL A 253 22.34 -2.38 6.51
N TYR A 254 21.95 -2.62 5.27
CA TYR A 254 20.70 -2.13 4.74
C TYR A 254 19.92 -3.25 4.07
N VAL A 255 18.60 -3.06 3.99
CA VAL A 255 17.71 -3.89 3.20
C VAL A 255 16.85 -3.00 2.33
N TYR A 256 16.90 -3.22 1.01
CA TYR A 256 16.14 -2.43 0.04
C TYR A 256 15.16 -3.33 -0.72
N ALA A 257 13.92 -2.87 -0.87
CA ALA A 257 12.87 -3.66 -1.51
C ALA A 257 12.03 -2.77 -2.42
N GLU A 258 11.50 -3.35 -3.51
CA GLU A 258 10.71 -2.55 -4.45
C GLU A 258 9.74 -3.41 -5.27
N GLN A 259 8.83 -2.70 -5.94
CA GLN A 259 7.83 -3.17 -6.91
C GLN A 259 6.55 -3.61 -6.20
N ASP A 264 0.44 -6.77 -10.29
CA ASP A 264 1.89 -6.95 -10.28
C ASP A 264 2.42 -6.95 -8.85
N SER A 265 1.86 -7.81 -8.01
CA SER A 265 2.35 -7.96 -6.64
C SER A 265 3.54 -8.93 -6.64
N ALA A 266 4.63 -8.47 -7.26
CA ALA A 266 5.91 -9.16 -7.25
C ALA A 266 6.96 -8.23 -6.65
N TYR A 267 7.90 -8.80 -5.91
CA TYR A 267 8.88 -8.01 -5.19
C TYR A 267 10.30 -8.49 -5.43
N ASP A 268 11.21 -7.52 -5.42
CA ASP A 268 12.65 -7.76 -5.46
C ASP A 268 13.24 -7.17 -4.19
N VAL A 269 14.19 -7.87 -3.57
CA VAL A 269 14.78 -7.42 -2.32
C VAL A 269 16.29 -7.58 -2.39
N TYR A 270 17.00 -6.70 -1.67
CA TYR A 270 18.46 -6.72 -1.64
C TYR A 270 18.98 -6.47 -0.23
N VAL A 271 20.00 -7.23 0.16
CA VAL A 271 20.79 -6.95 1.35
C VAL A 271 22.06 -6.24 0.90
N LEU A 272 22.40 -5.14 1.56
CA LEU A 272 23.44 -4.23 1.10
C LEU A 272 24.48 -3.99 2.18
N ASP A 273 25.71 -3.70 1.76
CA ASP A 273 26.76 -3.34 2.71
C ASP A 273 26.59 -1.85 3.09
N ASN A 274 27.57 -1.32 3.82
CA ASN A 274 27.46 0.06 4.30
C ASN A 274 27.41 1.07 3.16
N ALA A 275 27.76 0.68 1.93
CA ALA A 275 27.78 1.61 0.80
C ALA A 275 26.83 1.20 -0.31
N GLY A 276 25.85 0.34 -0.04
CA GLY A 276 24.95 -0.11 -1.09
C GLY A 276 25.34 -1.36 -1.85
N GLY A 277 26.54 -1.88 -1.65
CA GLY A 277 26.98 -3.03 -2.43
C GLY A 277 26.11 -4.24 -2.12
N ILE A 278 25.56 -4.85 -3.17
CA ILE A 278 24.59 -5.92 -2.98
C ILE A 278 25.28 -7.18 -2.48
N LEU A 279 24.86 -7.66 -1.31
CA LEU A 279 25.40 -8.87 -0.71
C LEU A 279 24.52 -10.09 -0.98
N MET A 280 23.22 -9.88 -1.15
CA MET A 280 22.27 -10.96 -1.40
C MET A 280 21.04 -10.36 -2.08
N GLU A 281 20.49 -11.09 -3.04
CA GLU A 281 19.36 -10.64 -3.83
C GLU A 281 18.25 -11.68 -3.73
N LEU A 282 17.03 -11.23 -3.46
CA LEU A 282 15.84 -12.07 -3.61
C LEU A 282 14.94 -11.42 -4.66
N SER A 283 14.80 -12.09 -5.80
CA SER A 283 14.03 -11.58 -6.90
C SER A 283 12.68 -12.29 -7.00
N GLY A 284 11.68 -11.56 -7.47
CA GLY A 284 10.38 -12.12 -7.78
C GLY A 284 9.70 -12.87 -6.64
N LEU A 285 9.75 -12.32 -5.43
CA LEU A 285 8.93 -12.84 -4.35
C LEU A 285 7.47 -12.50 -4.60
N VAL A 286 6.60 -13.52 -4.53
CA VAL A 286 5.17 -13.36 -4.79
C VAL A 286 4.38 -14.04 -3.69
N PHE A 287 3.38 -13.35 -3.16
CA PHE A 287 2.52 -13.91 -2.12
C PHE A 287 1.43 -14.78 -2.72
N ASN B 30 -24.62 37.90 3.01
CA ASN B 30 -23.22 38.13 2.65
C ASN B 30 -22.72 37.11 1.62
N ASP B 31 -22.59 35.85 2.05
CA ASP B 31 -22.09 34.79 1.19
C ASP B 31 -23.21 33.82 0.84
N LEU B 32 -23.09 33.23 -0.34
CA LEU B 32 -24.09 32.32 -0.85
C LEU B 32 -23.83 30.89 -0.41
N HIS B 33 -22.59 30.57 -0.04
CA HIS B 33 -22.16 29.22 0.26
C HIS B 33 -20.73 29.31 0.82
N PRO B 34 -20.28 28.34 1.61
CA PRO B 34 -18.93 28.43 2.20
C PRO B 34 -17.79 28.68 1.22
N TYR B 35 -17.91 28.29 -0.04
CA TYR B 35 -16.87 28.52 -1.02
C TYR B 35 -17.22 29.58 -2.04
N ILE B 36 -18.44 30.13 -2.01
CA ILE B 36 -18.89 31.10 -3.00
C ILE B 36 -19.32 32.36 -2.26
N SER B 37 -18.68 33.49 -2.59
CA SER B 37 -18.93 34.76 -1.92
C SER B 37 -20.06 35.57 -2.55
N CYS B 38 -20.20 35.58 -3.86
CA CYS B 38 -21.24 36.40 -4.47
C CYS B 38 -21.42 36.00 -5.93
N ASN B 39 -22.48 36.54 -6.52
CA ASN B 39 -22.82 36.32 -7.92
C ASN B 39 -22.32 37.52 -8.72
N ILE B 40 -21.46 37.27 -9.71
CA ILE B 40 -20.92 38.35 -10.52
C ILE B 40 -21.31 38.16 -11.98
N SER B 41 -22.49 37.60 -12.22
CA SER B 41 -22.95 37.40 -13.58
C SER B 41 -23.07 38.75 -14.30
N ASP B 42 -22.92 38.71 -15.61
CA ASP B 42 -23.10 39.89 -16.43
C ASP B 42 -23.62 39.43 -17.80
N PHE B 43 -23.75 40.38 -18.73
CA PHE B 43 -24.28 40.05 -20.04
C PHE B 43 -23.43 39.00 -20.71
N LYS B 44 -22.13 39.02 -20.45
CA LYS B 44 -21.20 38.10 -21.09
C LYS B 44 -21.38 36.67 -20.58
N ALA B 45 -21.59 36.49 -19.28
CA ALA B 45 -21.73 35.13 -18.77
C ALA B 45 -22.33 35.10 -17.39
N GLN B 46 -23.03 33.99 -17.10
CA GLN B 46 -23.45 33.65 -15.75
C GLN B 46 -22.22 33.21 -14.96
N LYS B 47 -22.01 33.77 -13.78
CA LYS B 47 -20.78 33.38 -13.10
C LYS B 47 -20.80 33.84 -11.64
N PHE B 48 -20.01 33.14 -10.83
CA PHE B 48 -19.92 33.39 -9.41
C PHE B 48 -18.46 33.48 -8.98
N LEU B 49 -18.22 34.24 -7.93
CA LEU B 49 -16.88 34.40 -7.37
C LEU B 49 -16.65 33.37 -6.27
N ILE B 50 -15.55 32.63 -6.40
CA ILE B 50 -15.14 31.60 -5.46
C ILE B 50 -14.19 32.19 -4.44
N ASN B 51 -14.35 31.81 -3.18
CA ASN B 51 -13.44 32.24 -2.11
C ASN B 51 -13.29 31.10 -1.12
N VAL B 52 -12.12 30.46 -1.13
CA VAL B 52 -11.79 29.40 -0.18
C VAL B 52 -10.58 29.75 0.69
N SER B 53 -10.18 31.02 0.72
CA SER B 53 -9.03 31.42 1.54
C SER B 53 -9.20 31.02 3.00
N ASP B 54 -10.34 31.34 3.61
CA ASP B 54 -10.51 31.21 5.05
C ASP B 54 -11.10 29.86 5.48
N THR B 55 -11.15 28.88 4.58
CA THR B 55 -11.37 27.50 4.98
C THR B 55 -10.03 26.89 5.39
N GLY B 56 -10.08 25.90 6.28
CA GLY B 56 -8.84 25.32 6.76
C GLY B 56 -8.41 24.11 5.96
N LEU B 57 -8.84 24.01 4.70
CA LEU B 57 -8.77 22.76 3.96
C LEU B 57 -7.61 22.84 2.97
N TYR B 58 -6.59 22.01 3.19
CA TYR B 58 -5.47 21.95 2.27
C TYR B 58 -4.94 20.53 2.19
N ILE B 59 -4.33 20.22 1.05
CA ILE B 59 -3.59 18.98 0.86
C ILE B 59 -2.20 19.33 0.35
N LYS B 60 -1.27 18.39 0.49
CA LYS B 60 0.06 18.49 -0.10
C LYS B 60 0.37 17.20 -0.83
N THR B 61 1.04 17.31 -1.98
CA THR B 61 1.50 16.15 -2.71
C THR B 61 2.98 16.28 -2.99
N LYS B 62 3.61 15.14 -3.27
CA LYS B 62 5.02 15.13 -3.65
C LYS B 62 5.27 15.85 -4.98
N TYR B 63 4.23 16.12 -5.77
CA TYR B 63 4.41 16.79 -7.05
C TYR B 63 4.49 18.30 -6.93
N GLN B 64 4.15 18.88 -5.79
CA GLN B 64 3.98 20.32 -5.64
C GLN B 64 4.68 20.82 -4.38
N ASP B 65 5.38 21.95 -4.52
CA ASP B 65 5.95 22.62 -3.35
C ASP B 65 4.88 23.21 -2.44
N ARG B 66 3.84 23.80 -3.03
CA ARG B 66 2.82 24.55 -2.30
C ARG B 66 1.62 23.70 -1.87
N GLU B 67 0.94 24.16 -0.82
CA GLU B 67 -0.33 23.60 -0.40
C GLU B 67 -1.37 23.80 -1.48
N MET B 68 -2.42 22.97 -1.43
CA MET B 68 -3.48 23.00 -2.42
C MET B 68 -4.83 22.80 -1.75
N PHE B 69 -5.83 23.43 -2.33
CA PHE B 69 -7.20 23.16 -1.94
C PHE B 69 -7.63 21.81 -2.51
N PRO B 70 -8.30 20.96 -1.73
CA PRO B 70 -8.60 19.60 -2.20
C PRO B 70 -9.33 19.61 -3.53
N PHE B 71 -8.97 18.66 -4.39
CA PHE B 71 -9.49 18.60 -5.76
C PHE B 71 -11.00 18.45 -5.77
N LEU B 72 -11.53 17.37 -5.17
CA LEU B 72 -12.91 16.98 -5.40
C LEU B 72 -13.92 17.90 -4.72
N SER B 73 -13.49 18.78 -3.82
CA SER B 73 -14.42 19.77 -3.29
C SER B 73 -14.88 20.76 -4.35
N GLN B 74 -14.23 20.78 -5.53
CA GLN B 74 -14.71 21.61 -6.63
C GLN B 74 -16.06 21.15 -7.14
N ILE B 75 -16.39 19.87 -6.96
CA ILE B 75 -17.72 19.37 -7.32
C ILE B 75 -18.79 20.10 -6.51
N GLU B 76 -18.57 20.28 -5.21
CA GLU B 76 -19.50 21.05 -4.40
C GLU B 76 -19.67 22.47 -4.95
N MET B 77 -18.57 23.10 -5.37
CA MET B 77 -18.67 24.43 -5.96
C MET B 77 -19.57 24.40 -7.19
N ALA B 78 -19.36 23.40 -8.06
CA ALA B 78 -20.16 23.28 -9.28
C ALA B 78 -21.62 23.01 -8.97
N ARG B 79 -21.90 22.12 -8.01
CA ARG B 79 -23.30 21.80 -7.71
C ARG B 79 -24.01 22.98 -7.06
N ALA B 80 -23.33 23.67 -6.14
CA ALA B 80 -23.92 24.85 -5.51
C ALA B 80 -24.17 25.95 -6.54
N ALA B 81 -23.18 26.20 -7.39
CA ALA B 81 -23.33 27.24 -8.40
C ALA B 81 -24.40 26.85 -9.41
N GLY B 82 -24.39 25.59 -9.85
CA GLY B 82 -25.39 25.15 -10.81
C GLY B 82 -26.80 25.24 -10.26
N ALA B 83 -26.98 24.83 -9.00
CA ALA B 83 -28.30 24.89 -8.39
C ALA B 83 -28.81 26.32 -8.33
N MET B 84 -27.94 27.25 -7.91
CA MET B 84 -28.33 28.66 -7.86
C MET B 84 -28.63 29.22 -9.25
N ALA B 85 -27.80 28.88 -10.24
CA ALA B 85 -28.02 29.35 -11.59
C ALA B 85 -29.28 28.76 -12.19
N SER B 86 -29.59 27.50 -11.86
CA SER B 86 -30.72 26.79 -12.47
C SER B 86 -32.02 26.93 -11.68
N GLY B 87 -31.95 27.22 -10.40
CA GLY B 87 -33.15 27.29 -9.60
C GLY B 87 -33.67 25.96 -9.12
N ASN B 88 -32.96 24.87 -9.41
CA ASN B 88 -33.33 23.54 -8.97
C ASN B 88 -32.09 22.82 -8.46
N PRO B 89 -32.24 21.74 -7.72
CA PRO B 89 -31.06 20.99 -7.28
C PRO B 89 -30.27 20.45 -8.46
N ILE B 90 -29.00 20.21 -8.21
CA ILE B 90 -28.12 19.49 -9.13
C ILE B 90 -27.90 18.10 -8.55
N ILE B 91 -28.32 17.09 -9.29
CA ILE B 91 -28.20 15.69 -8.86
C ILE B 91 -26.98 15.03 -9.48
N LYS B 92 -26.69 15.36 -10.72
CA LYS B 92 -25.70 14.63 -11.49
C LYS B 92 -24.77 15.58 -12.21
N LEU B 93 -23.47 15.28 -12.13
CA LEU B 93 -22.44 15.96 -12.88
C LEU B 93 -21.72 14.95 -13.76
N THR B 94 -21.43 15.33 -15.00
CA THR B 94 -20.78 14.41 -15.92
C THR B 94 -19.55 15.06 -16.53
N GLU B 95 -18.64 14.20 -16.98
CA GLU B 95 -17.47 14.59 -17.74
C GLU B 95 -16.67 15.67 -17.02
N LEU B 96 -16.29 15.34 -15.80
CA LEU B 96 -15.47 16.25 -15.00
C LEU B 96 -14.02 16.10 -15.44
N SER B 97 -13.34 17.23 -15.61
CA SER B 97 -11.95 17.25 -16.06
C SER B 97 -11.18 18.16 -15.13
N PHE B 98 -10.12 17.63 -14.53
CA PHE B 98 -9.28 18.40 -13.62
C PHE B 98 -7.96 18.68 -14.34
N ARG B 99 -7.65 19.95 -14.53
CA ARG B 99 -6.49 20.37 -15.31
C ARG B 99 -5.40 21.03 -14.49
N GLU B 100 -5.74 21.74 -13.42
CA GLU B 100 -4.74 22.36 -12.56
C GLU B 100 -5.16 22.29 -11.10
N PRO B 101 -4.20 22.16 -10.18
CA PRO B 101 -4.52 22.25 -8.75
C PRO B 101 -4.71 23.69 -8.30
N MET B 102 -5.54 23.87 -7.28
CA MET B 102 -5.77 25.19 -6.70
C MET B 102 -4.66 25.46 -5.68
N LEU B 103 -3.54 25.94 -6.18
CA LEU B 103 -2.42 26.32 -5.34
C LEU B 103 -2.82 27.38 -4.33
N GLN B 104 -2.31 27.26 -3.11
CA GLN B 104 -2.53 28.23 -2.05
C GLN B 104 -1.22 28.98 -1.85
N SER B 105 -1.24 30.29 -2.09
CA SER B 105 -0.01 31.06 -2.16
C SER B 105 -0.16 32.34 -1.34
N GLY B 106 0.55 33.39 -1.71
CA GLY B 106 0.31 34.69 -1.12
C GLY B 106 -0.42 35.59 -2.09
N SER B 107 -0.07 35.44 -3.37
CA SER B 107 -0.68 36.25 -4.42
C SER B 107 -2.20 36.24 -4.32
N ASN B 108 -2.78 35.14 -3.85
CA ASN B 108 -4.23 34.98 -3.80
C ASN B 108 -4.85 35.21 -5.17
N GLU B 109 -4.87 34.14 -5.98
CA GLU B 109 -5.52 34.19 -7.28
C GLU B 109 -7.02 34.16 -7.12
N GLN B 110 -7.69 35.19 -7.64
CA GLN B 110 -9.14 35.24 -7.57
C GLN B 110 -9.74 34.12 -8.40
N ILE B 111 -10.63 33.33 -7.79
CA ILE B 111 -11.21 32.16 -8.44
C ILE B 111 -12.68 32.43 -8.73
N ARG B 112 -13.12 32.00 -9.90
CA ARG B 112 -14.50 32.15 -10.35
C ARG B 112 -14.96 30.86 -11.00
N ILE B 113 -16.28 30.70 -11.06
CA ILE B 113 -16.90 29.60 -11.78
C ILE B 113 -17.80 30.20 -12.86
N VAL B 114 -17.63 29.74 -14.10
CA VAL B 114 -18.46 30.15 -15.22
C VAL B 114 -19.42 29.01 -15.53
N LEU B 115 -20.69 29.35 -15.73
CA LEU B 115 -21.69 28.37 -16.10
C LEU B 115 -22.33 28.79 -17.42
N THR B 116 -22.36 27.86 -18.37
CA THR B 116 -22.86 28.12 -19.72
C THR B 116 -24.01 27.17 -20.02
N PRO B 117 -25.24 27.65 -20.11
CA PRO B 117 -26.36 26.76 -20.47
C PRO B 117 -26.30 26.32 -21.93
N ASP B 118 -26.81 25.12 -22.19
CA ASP B 118 -26.85 24.57 -23.53
C ASP B 118 -28.05 23.63 -23.64
N ASN B 119 -28.25 23.06 -24.83
CA ASN B 119 -29.38 22.18 -25.06
C ASN B 119 -29.37 21.02 -24.07
N GLN B 120 -28.20 20.41 -23.89
CA GLN B 120 -28.04 19.22 -23.06
C GLN B 120 -27.69 19.60 -21.61
N GLY B 121 -28.58 20.36 -20.98
CA GLY B 121 -28.30 20.84 -19.64
C GLY B 121 -27.37 22.06 -19.61
N ALA B 122 -26.22 21.96 -18.94
CA ALA B 122 -25.29 23.08 -18.89
C ALA B 122 -23.89 22.57 -18.62
N SER B 123 -22.90 23.45 -18.89
CA SER B 123 -21.50 23.21 -18.60
C SER B 123 -20.97 24.26 -17.60
N TYR B 124 -19.83 23.95 -16.99
CA TYR B 124 -19.21 24.84 -16.02
C TYR B 124 -17.69 24.81 -16.14
N SER B 125 -17.08 25.95 -15.82
CA SER B 125 -15.64 26.12 -15.80
C SER B 125 -15.27 26.78 -14.47
N ILE B 126 -14.32 26.20 -13.75
CA ILE B 126 -13.76 26.84 -12.56
C ILE B 126 -12.39 27.37 -12.95
N GLU B 127 -12.19 28.68 -12.80
CA GLU B 127 -11.11 29.37 -13.50
C GLU B 127 -10.41 30.34 -12.55
N LYS B 128 -9.16 30.69 -12.89
CA LYS B 128 -8.59 31.96 -12.45
C LYS B 128 -9.32 33.09 -13.16
N GLN B 129 -9.71 34.10 -12.40
CA GLN B 129 -10.33 35.28 -13.02
C GLN B 129 -9.34 36.08 -13.83
N SER B 130 -8.07 36.10 -13.43
CA SER B 130 -7.11 36.98 -14.07
C SER B 130 -6.94 36.62 -15.53
N ASP B 131 -6.93 35.32 -15.86
CA ASP B 131 -6.67 34.88 -17.21
C ASP B 131 -7.62 33.79 -17.69
N SER B 132 -8.64 33.44 -16.91
CA SER B 132 -9.68 32.48 -17.28
C SER B 132 -9.13 31.07 -17.44
N SER B 133 -7.92 30.80 -17.00
CA SER B 133 -7.35 29.47 -17.13
C SER B 133 -8.04 28.48 -16.19
N ILE B 134 -8.34 27.30 -16.71
CA ILE B 134 -9.25 26.36 -16.08
C ILE B 134 -8.52 25.55 -15.00
N TYR B 135 -9.12 25.50 -13.80
CA TYR B 135 -8.76 24.47 -12.84
C TYR B 135 -9.45 23.14 -13.13
N SER B 136 -10.77 23.18 -13.31
CA SER B 136 -11.52 21.97 -13.61
C SER B 136 -12.78 22.37 -14.36
N SER B 137 -13.33 21.42 -15.12
CA SER B 137 -14.51 21.68 -15.92
C SER B 137 -15.38 20.43 -15.93
N GLY B 138 -16.65 20.61 -16.26
CA GLY B 138 -17.57 19.49 -16.36
C GLY B 138 -18.94 19.97 -16.80
N ARG B 139 -19.86 19.02 -16.86
CA ARG B 139 -21.22 19.28 -17.29
C ARG B 139 -22.20 19.01 -16.16
N LEU B 140 -23.39 19.63 -16.24
CA LEU B 140 -24.41 19.50 -15.22
C LEU B 140 -25.71 19.07 -15.84
N GLU B 141 -26.29 17.99 -15.33
CA GLU B 141 -27.60 17.54 -15.77
C GLU B 141 -28.69 18.30 -15.03
N LEU B 142 -29.61 18.90 -15.79
CA LEU B 142 -30.68 19.71 -15.25
C LEU B 142 -32.03 19.00 -15.23
N GLU B 143 -32.11 17.76 -15.73
CA GLU B 143 -33.37 17.03 -15.89
C GLU B 143 -33.40 15.75 -15.05
N GLY B 144 -34.18 14.76 -15.48
CA GLY B 144 -33.98 13.37 -15.12
C GLY B 144 -34.64 12.89 -13.86
N GLY B 145 -35.44 13.72 -13.19
CA GLY B 145 -36.07 13.28 -11.96
C GLY B 145 -35.06 12.82 -10.93
N ALA B 146 -35.34 11.67 -10.31
CA ALA B 146 -34.47 11.10 -9.28
C ALA B 146 -34.14 9.66 -9.63
N TYR B 147 -32.87 9.32 -9.44
CA TYR B 147 -32.35 7.98 -9.66
C TYR B 147 -32.48 7.18 -8.38
N GLU B 148 -32.62 5.87 -8.53
CA GLU B 148 -32.67 4.97 -7.39
C GLU B 148 -31.25 4.61 -7.00
N ASN B 149 -30.95 4.77 -5.72
CA ASN B 149 -29.60 4.60 -5.20
C ASN B 149 -29.09 3.16 -5.27
N GLY B 150 -29.69 2.25 -4.50
CA GLY B 150 -29.19 0.89 -4.43
C GLY B 150 -28.11 0.80 -3.37
N ASN B 151 -27.40 -0.33 -3.35
CA ASN B 151 -26.44 -0.49 -2.27
C ASN B 151 -25.31 -1.47 -2.54
N ILE B 152 -24.26 -1.33 -1.70
CA ILE B 152 -23.12 -2.23 -1.55
C ILE B 152 -23.36 -3.16 -0.37
N HIS B 153 -23.13 -4.46 -0.58
CA HIS B 153 -23.22 -5.46 0.47
C HIS B 153 -21.98 -5.37 1.37
N LEU B 154 -22.16 -4.98 2.63
CA LEU B 154 -21.04 -4.68 3.53
C LEU B 154 -20.44 -5.89 4.25
N GLU B 155 -21.14 -7.01 4.33
CA GLU B 155 -20.72 -8.10 5.22
C GLU B 155 -19.26 -8.51 5.08
N PRO B 156 -18.72 -8.78 3.88
CA PRO B 156 -17.34 -9.29 3.82
C PRO B 156 -16.30 -8.37 4.46
N PHE B 157 -16.51 -7.05 4.42
CA PHE B 157 -15.54 -6.13 4.98
C PHE B 157 -15.68 -5.96 6.48
N LEU B 158 -16.87 -6.19 7.04
CA LEU B 158 -17.10 -5.92 8.46
C LEU B 158 -16.57 -7.03 9.36
N SER B 159 -16.52 -8.28 8.88
CA SER B 159 -16.23 -9.40 9.76
C SER B 159 -14.76 -9.45 10.21
N GLN B 160 -13.84 -8.96 9.37
CA GLN B 160 -12.41 -9.05 9.66
C GLN B 160 -11.91 -7.82 10.42
N ARG B 161 -12.12 -7.84 11.74
CA ARG B 161 -11.64 -6.74 12.59
C ARG B 161 -10.12 -6.70 12.67
N ALA B 162 -9.48 -7.87 12.74
CA ALA B 162 -8.02 -7.89 12.75
C ALA B 162 -7.46 -7.23 11.51
N ASP B 163 -8.17 -7.33 10.37
CA ASP B 163 -7.68 -6.72 9.13
C ASP B 163 -7.77 -5.21 9.15
N ARG B 164 -8.52 -4.62 10.08
CA ARG B 164 -8.74 -3.17 10.05
C ARG B 164 -7.44 -2.41 10.27
N ILE B 165 -7.13 -1.51 9.35
CA ILE B 165 -6.01 -0.60 9.46
C ILE B 165 -6.46 0.64 10.24
N PRO B 166 -5.74 1.05 11.29
CA PRO B 166 -6.22 2.19 12.09
C PRO B 166 -6.06 3.53 11.37
N HIS B 167 -6.82 4.50 11.88
CA HIS B 167 -6.80 5.87 11.39
C HIS B 167 -5.36 6.35 11.16
N GLU B 168 -4.50 6.18 12.15
CA GLU B 168 -3.14 6.72 12.05
C GLU B 168 -2.37 6.07 10.92
N ALA B 169 -2.41 4.73 10.83
CA ALA B 169 -1.63 4.02 9.82
C ALA B 169 -2.13 4.30 8.41
N PHE B 170 -3.45 4.37 8.24
CA PHE B 170 -3.99 4.63 6.91
C PHE B 170 -3.36 5.88 6.32
N TYR B 171 -3.26 6.95 7.11
CA TYR B 171 -2.71 8.20 6.60
C TYR B 171 -1.19 8.19 6.54
N GLN B 172 -0.53 7.44 7.44
CA GLN B 172 0.89 7.20 7.27
C GLN B 172 1.15 6.57 5.91
N ARG B 173 0.31 5.60 5.52
CA ARG B 173 0.48 4.93 4.25
C ARG B 173 0.27 5.89 3.09
N LEU B 174 -0.73 6.77 3.20
CA LEU B 174 -1.00 7.73 2.12
C LEU B 174 0.14 8.73 2.00
N ALA B 175 0.70 9.17 3.13
CA ALA B 175 1.84 10.08 3.10
C ALA B 175 3.04 9.44 2.39
N GLU B 176 3.30 8.17 2.67
CA GLU B 176 4.41 7.50 2.00
C GLU B 176 4.18 7.35 0.50
N PHE B 177 2.93 7.41 0.05
CA PHE B 177 2.62 7.53 -1.38
C PHE B 177 2.68 8.96 -1.88
N GLY B 178 2.88 9.93 -0.99
CA GLY B 178 3.02 11.31 -1.37
C GLY B 178 1.81 12.19 -1.21
N TYR B 179 0.89 11.85 -0.29
CA TYR B 179 -0.29 12.67 -0.03
C TYR B 179 -0.40 12.93 1.45
N SER B 180 -0.58 14.19 1.83
CA SER B 180 -0.91 14.56 3.20
C SER B 180 -1.97 15.66 3.17
N CYS B 181 -2.58 15.91 4.32
CA CYS B 181 -3.73 16.81 4.34
C CYS B 181 -3.91 17.38 5.74
N SER B 182 -4.67 18.47 5.80
CA SER B 182 -5.06 19.08 7.06
C SER B 182 -5.92 18.11 7.87
N ASP B 183 -5.82 18.23 9.19
CA ASP B 183 -6.64 17.41 10.08
C ASP B 183 -8.13 17.61 9.82
N SER B 184 -8.51 18.76 9.26
CA SER B 184 -9.89 19.03 8.86
C SER B 184 -10.36 18.13 7.71
N LEU B 185 -9.45 17.40 7.07
CA LEU B 185 -9.77 16.48 5.99
C LEU B 185 -9.47 15.04 6.35
N LYS B 186 -9.21 14.75 7.62
CA LYS B 186 -8.89 13.40 8.07
C LYS B 186 -10.11 12.80 8.75
N ALA B 187 -11.04 12.31 7.92
CA ALA B 187 -12.28 11.70 8.42
C ALA B 187 -12.19 10.18 8.48
N ALA B 188 -11.17 9.57 7.91
CA ALA B 188 -11.03 8.11 7.91
C ALA B 188 -10.75 7.62 9.32
N GLU B 189 -11.58 6.70 9.81
CA GLU B 189 -11.34 6.09 11.10
C GLU B 189 -10.52 4.80 11.00
N HIS B 190 -10.87 3.92 10.08
CA HIS B 190 -10.10 2.71 9.86
C HIS B 190 -10.40 2.20 8.46
N CYS B 191 -9.58 1.24 8.02
CA CYS B 191 -9.55 0.80 6.63
C CYS B 191 -9.50 -0.72 6.52
N VAL B 192 -10.29 -1.28 5.61
CA VAL B 192 -10.20 -2.69 5.23
C VAL B 192 -10.03 -2.73 3.72
N SER B 193 -9.00 -3.44 3.26
CA SER B 193 -8.62 -3.46 1.85
C SER B 193 -8.37 -4.90 1.41
N ARG B 194 -9.06 -5.34 0.36
CA ARG B 194 -8.82 -6.68 -0.19
C ARG B 194 -9.07 -6.69 -1.69
N ASN B 195 -8.10 -7.23 -2.44
CA ASN B 195 -8.24 -7.53 -3.87
C ASN B 195 -8.44 -6.28 -4.72
N GLY B 196 -7.85 -5.17 -4.34
CA GLY B 196 -8.12 -3.96 -5.09
C GLY B 196 -9.50 -3.39 -4.82
N GLN B 197 -10.01 -3.63 -3.62
CA GLN B 197 -11.24 -3.03 -3.14
C GLN B 197 -10.97 -2.54 -1.73
N VAL B 198 -11.61 -1.43 -1.35
CA VAL B 198 -11.33 -0.80 -0.06
C VAL B 198 -12.62 -0.25 0.53
N LEU B 199 -12.80 -0.48 1.82
CA LEU B 199 -13.89 0.11 2.61
C LEU B 199 -13.29 1.00 3.69
N LEU B 200 -13.63 2.27 3.67
CA LEU B 200 -13.23 3.17 4.74
C LEU B 200 -14.41 3.42 5.68
N LYS B 201 -14.10 3.41 6.97
CA LYS B 201 -15.02 3.88 7.99
C LYS B 201 -14.69 5.35 8.23
N ILE B 202 -15.65 6.23 7.98
CA ILE B 202 -15.44 7.67 8.08
C ILE B 202 -16.43 8.23 9.10
N LYS B 203 -16.08 9.39 9.64
CA LYS B 203 -16.94 10.12 10.55
C LYS B 203 -17.08 11.54 10.05
N ALA B 204 -18.30 11.95 9.71
CA ALA B 204 -18.49 13.29 9.18
C ALA B 204 -18.25 14.33 10.26
N LYS B 205 -17.85 15.52 9.83
CA LYS B 205 -17.55 16.62 10.73
C LYS B 205 -18.56 17.76 10.56
N ALA B 206 -19.02 18.29 11.69
CA ALA B 206 -19.91 19.44 11.64
C ALA B 206 -19.20 20.60 10.95
N GLY B 207 -19.89 21.25 10.02
CA GLY B 207 -19.31 22.31 9.24
C GLY B 207 -20.38 23.26 8.78
N PRO B 208 -20.02 24.22 7.93
CA PRO B 208 -21.00 25.22 7.51
C PRO B 208 -22.24 24.55 6.94
N LYS B 209 -23.40 25.08 7.30
CA LYS B 209 -24.66 24.54 6.81
C LYS B 209 -24.68 24.45 5.29
N GLY B 210 -23.88 25.27 4.61
CA GLY B 210 -24.03 25.42 3.17
C GLY B 210 -23.60 24.21 2.36
N CYS B 211 -22.58 23.49 2.81
CA CYS B 211 -22.01 22.38 2.04
C CYS B 211 -22.96 21.19 2.03
N ILE B 212 -23.48 20.87 0.86
CA ILE B 212 -24.18 19.61 0.66
C ILE B 212 -23.19 18.46 0.66
N ILE B 213 -22.09 18.61 -0.08
CA ILE B 213 -21.02 17.63 -0.15
C ILE B 213 -19.93 18.14 0.78
N LYS B 214 -19.79 17.49 1.93
CA LYS B 214 -18.86 17.96 2.94
C LYS B 214 -17.42 17.69 2.50
N PRO B 215 -16.48 18.62 2.78
CA PRO B 215 -15.12 18.44 2.28
C PRO B 215 -14.44 17.18 2.77
N GLU B 216 -14.57 16.83 4.06
CA GLU B 216 -13.88 15.65 4.56
C GLU B 216 -14.50 14.35 4.01
N VAL B 217 -15.80 14.35 3.73
CA VAL B 217 -16.42 13.18 3.13
C VAL B 217 -15.90 12.96 1.73
N ILE B 218 -15.99 13.97 0.86
CA ILE B 218 -15.55 13.79 -0.52
C ILE B 218 -14.04 13.61 -0.61
N GLU B 219 -13.29 14.05 0.40
CA GLU B 219 -11.85 13.80 0.41
C GLU B 219 -11.55 12.35 0.79
N SER B 220 -12.42 11.74 1.61
CA SER B 220 -12.35 10.30 1.83
C SER B 220 -12.47 9.54 0.51
N VAL B 221 -13.33 10.02 -0.38
CA VAL B 221 -13.46 9.42 -1.70
C VAL B 221 -12.13 9.38 -2.40
N TYR B 222 -11.43 10.52 -2.42
CA TYR B 222 -10.11 10.60 -3.04
C TYR B 222 -9.10 9.74 -2.30
N GLN B 223 -9.13 9.78 -0.96
CA GLN B 223 -8.19 9.01 -0.15
C GLN B 223 -8.32 7.53 -0.41
N ALA B 224 -9.56 7.03 -0.48
CA ALA B 224 -9.77 5.62 -0.80
C ALA B 224 -9.10 5.25 -2.12
N VAL B 225 -9.26 6.10 -3.15
CA VAL B 225 -8.70 5.79 -4.45
C VAL B 225 -7.17 5.78 -4.40
N ILE B 226 -6.56 6.81 -3.82
CA ILE B 226 -5.11 6.78 -3.77
C ILE B 226 -4.63 5.63 -2.88
N TYR B 227 -5.45 5.19 -1.92
CA TYR B 227 -5.03 4.02 -1.14
C TYR B 227 -5.02 2.77 -2.00
N LEU B 228 -6.05 2.56 -2.82
CA LEU B 228 -6.00 1.47 -3.78
C LEU B 228 -4.91 1.71 -4.82
N ALA B 229 -4.95 2.86 -5.48
CA ALA B 229 -3.92 3.28 -6.41
C ALA B 229 -2.83 3.95 -5.60
N GLY B 230 -1.83 3.18 -5.20
CA GLY B 230 -0.70 3.70 -4.44
C GLY B 230 0.35 4.22 -5.40
N GLU B 231 1.32 3.37 -5.73
CA GLU B 231 2.37 3.73 -6.67
C GLU B 231 1.80 4.28 -7.97
N ASN B 232 0.72 3.67 -8.47
CA ASN B 232 0.06 4.10 -9.70
C ASN B 232 -0.92 5.25 -9.55
N ALA B 233 -0.51 6.35 -8.92
CA ALA B 233 -1.35 7.52 -8.76
C ALA B 233 -0.64 8.74 -9.33
N GLY B 234 -1.36 9.54 -10.12
CA GLY B 234 -0.89 10.84 -10.58
C GLY B 234 -1.26 11.97 -9.65
N GLU B 235 -1.95 11.66 -8.55
CA GLU B 235 -2.40 12.67 -7.59
C GLU B 235 -3.03 13.86 -8.30
N LEU B 236 -3.79 13.56 -9.34
CA LEU B 236 -4.68 14.50 -10.02
C LEU B 236 -5.67 13.70 -10.86
N PRO B 237 -6.98 13.79 -10.60
CA PRO B 237 -7.91 12.94 -11.35
C PRO B 237 -8.28 13.54 -12.71
N GLU B 238 -7.63 13.04 -13.77
CA GLU B 238 -7.80 13.67 -15.07
C GLU B 238 -9.27 13.70 -15.48
N ASN B 239 -9.98 12.61 -15.28
CA ASN B 239 -11.38 12.53 -15.70
C ASN B 239 -12.21 11.76 -14.70
N ILE B 240 -13.47 12.16 -14.60
CA ILE B 240 -14.51 11.45 -13.84
C ILE B 240 -15.74 11.42 -14.73
N LYS B 241 -16.25 10.22 -15.03
CA LYS B 241 -17.32 10.13 -16.01
C LYS B 241 -18.67 10.55 -15.45
N GLU B 242 -18.97 10.22 -14.20
CA GLU B 242 -20.25 10.58 -13.60
C GLU B 242 -20.06 10.86 -12.12
N CYS B 243 -20.87 11.79 -11.61
CA CYS B 243 -20.98 12.00 -10.18
C CYS B 243 -22.44 12.25 -9.85
N THR B 244 -23.04 11.36 -9.08
CA THR B 244 -24.45 11.44 -8.75
C THR B 244 -24.63 11.55 -7.24
N ILE B 245 -25.57 12.39 -6.82
CA ILE B 245 -25.86 12.65 -5.42
C ILE B 245 -27.27 12.15 -5.18
N PHE B 246 -27.39 10.94 -4.61
CA PHE B 246 -28.70 10.36 -4.39
C PHE B 246 -29.35 10.92 -3.13
N ASP B 247 -28.54 11.24 -2.12
CA ASP B 247 -29.08 11.55 -0.80
C ASP B 247 -28.00 12.30 -0.04
N HIS B 248 -28.22 13.58 0.24
CA HIS B 248 -27.26 14.41 0.96
C HIS B 248 -27.67 14.70 2.39
N GLU B 249 -28.79 14.14 2.87
CA GLU B 249 -29.24 14.34 4.23
C GLU B 249 -28.87 13.21 5.17
N THR B 250 -28.88 11.96 4.71
CA THR B 250 -28.49 10.83 5.54
C THR B 250 -27.00 10.89 5.90
N GLU B 251 -26.68 10.44 7.11
CA GLU B 251 -25.33 10.53 7.62
C GLU B 251 -24.39 9.61 6.82
N PRO B 252 -23.31 10.13 6.25
CA PRO B 252 -22.35 9.23 5.57
C PRO B 252 -21.50 8.48 6.57
N VAL B 253 -21.30 7.18 6.33
CA VAL B 253 -20.63 6.33 7.29
C VAL B 253 -19.46 5.60 6.65
N TYR B 254 -19.59 5.24 5.38
CA TYR B 254 -18.55 4.45 4.73
C TYR B 254 -18.19 5.07 3.39
N VAL B 255 -16.98 4.74 2.93
CA VAL B 255 -16.53 5.01 1.57
C VAL B 255 -16.03 3.69 0.98
N TYR B 256 -16.62 3.27 -0.14
CA TYR B 256 -16.25 2.04 -0.80
C TYR B 256 -15.74 2.36 -2.20
N ALA B 257 -14.61 1.76 -2.56
CA ALA B 257 -13.98 2.00 -3.84
C ALA B 257 -13.45 0.70 -4.41
N GLU B 258 -13.45 0.63 -5.73
CA GLU B 258 -12.94 -0.53 -6.45
C GLU B 258 -12.49 -0.10 -7.84
N GLN B 259 -11.67 -0.94 -8.45
CA GLN B 259 -11.11 -0.70 -9.76
C GLN B 259 -11.61 -1.77 -10.72
N THR B 260 -11.97 -1.37 -11.94
CA THR B 260 -12.54 -2.33 -12.89
C THR B 260 -11.47 -3.23 -13.48
N GLY B 261 -10.31 -2.68 -13.83
CA GLY B 261 -9.20 -3.50 -14.30
C GLY B 261 -8.11 -2.68 -14.96
N SER B 265 -6.70 0.90 -13.45
CA SER B 265 -7.01 1.65 -14.67
C SER B 265 -8.05 2.74 -14.38
N ALA B 266 -9.22 2.34 -13.91
CA ALA B 266 -10.29 3.28 -13.61
C ALA B 266 -11.00 2.86 -12.32
N TYR B 267 -11.56 3.85 -11.61
CA TYR B 267 -12.16 3.59 -10.30
C TYR B 267 -13.61 4.06 -10.22
N ASP B 268 -14.37 3.31 -9.43
CA ASP B 268 -15.73 3.66 -9.05
C ASP B 268 -15.73 3.80 -7.53
N VAL B 269 -16.38 4.85 -7.01
CA VAL B 269 -16.36 5.13 -5.59
C VAL B 269 -17.77 5.43 -5.13
N TYR B 270 -18.07 5.05 -3.87
CA TYR B 270 -19.39 5.26 -3.31
C TYR B 270 -19.30 5.71 -1.86
N VAL B 271 -20.15 6.67 -1.49
CA VAL B 271 -20.39 7.05 -0.11
C VAL B 271 -21.64 6.33 0.37
N LEU B 272 -21.57 5.73 1.55
CA LEU B 272 -22.60 4.81 2.04
C LEU B 272 -23.13 5.26 3.38
N ASP B 273 -24.40 4.95 3.64
CA ASP B 273 -24.98 5.18 4.97
C ASP B 273 -24.56 4.02 5.88
N ASN B 274 -25.09 3.97 7.10
CA ASN B 274 -24.64 2.97 8.07
C ASN B 274 -24.97 1.54 7.66
N ALA B 275 -25.87 1.34 6.71
CA ALA B 275 -26.32 0.02 6.29
C ALA B 275 -25.90 -0.24 4.85
N GLY B 276 -24.92 0.49 4.40
CA GLY B 276 -24.49 0.51 3.04
C GLY B 276 -25.14 1.51 2.11
N GLY B 277 -26.40 1.89 2.36
CA GLY B 277 -27.14 2.69 1.38
C GLY B 277 -26.27 3.66 0.60
N ILE B 278 -26.29 3.59 -0.74
CA ILE B 278 -25.43 4.45 -1.54
C ILE B 278 -25.98 5.87 -1.52
N LEU B 279 -25.17 6.81 -1.05
CA LEU B 279 -25.55 8.22 -0.96
C LEU B 279 -24.97 9.06 -2.08
N MET B 280 -23.81 8.67 -2.62
CA MET B 280 -23.18 9.43 -3.69
C MET B 280 -22.27 8.47 -4.45
N GLU B 281 -22.26 8.59 -5.78
CA GLU B 281 -21.49 7.71 -6.64
C GLU B 281 -20.58 8.58 -7.50
N LEU B 282 -19.31 8.19 -7.57
CA LEU B 282 -18.38 8.72 -8.55
C LEU B 282 -17.87 7.56 -9.40
N SER B 283 -18.26 7.53 -10.67
CA SER B 283 -17.91 6.44 -11.57
C SER B 283 -16.75 6.85 -12.48
N GLY B 284 -15.95 5.86 -12.87
CA GLY B 284 -14.94 6.08 -13.91
C GLY B 284 -13.99 7.21 -13.62
N LEU B 285 -13.49 7.30 -12.39
CA LEU B 285 -12.40 8.22 -12.10
C LEU B 285 -11.11 7.66 -12.69
N VAL B 286 -10.40 8.49 -13.46
CA VAL B 286 -9.18 8.06 -14.14
C VAL B 286 -8.08 9.10 -13.88
N PHE B 287 -6.90 8.61 -13.50
CA PHE B 287 -5.77 9.49 -13.25
C PHE B 287 -5.05 9.83 -14.53
N GLY B 288 -4.32 10.94 -14.49
CA GLY B 288 -3.44 11.29 -15.58
C GLY B 288 -2.44 10.20 -15.89
N GLU B 289 -1.94 9.55 -14.84
CA GLU B 289 -0.92 8.50 -14.98
C GLU B 289 -0.89 7.62 -13.75
#